data_5RYO
#
_entry.id   5RYO
#
_cell.length_a   38.592
_cell.length_b   77.330
_cell.length_c   99.592
_cell.angle_alpha   90.000
_cell.angle_beta   90.000
_cell.angle_gamma   90.000
#
_symmetry.space_group_name_H-M   'P 21 21 21'
#
loop_
_entity.id
_entity.type
_entity.pdbx_description
1 polymer 'Isoform 2 of Band 4.1-like protein 3'
2 non-polymer 2-methyl-N-(pyridin-4-yl)furan-3-carboxamide
3 non-polymer 'DIMETHYL SULFOXIDE'
4 non-polymer 1,2-ETHANEDIOL
5 water water
#
_entity_poly.entity_id   1
_entity_poly.type   'polypeptide(L)'
_entity_poly.pdbx_seq_one_letter_code
;SMPKSMQCKVILLDGSEYTCDVEKRSRGQVLFDKVCEHLNLLEKDYFGLTYRDAENQKNWLDPAKEIKKQVRSGAWHFSF
NVKFYPPDPAQLSEDITRYYLCLQLRDDIVSGRLPCSFVTLALLGSYTVQSELGDYDPDECGSDYISEFRFAPNHTKELE
DKVIELHKSHRGMTPAEAEMHFLENAKKLSMYGVDLHHAKDSEGVEIMLGVCASGLLIYRDRLRINRFAWPKVLKISYKR
NNFYIKIRPGEFEQFESTIGFKLPNHRAAKRLWKVCVEHHTFFRLL
;
_entity_poly.pdbx_strand_id   A
#
loop_
_chem_comp.id
_chem_comp.type
_chem_comp.name
_chem_comp.formula
DMS non-polymer 'DIMETHYL SULFOXIDE' 'C2 H6 O S'
EDO non-polymer 1,2-ETHANEDIOL 'C2 H6 O2'
NU4 non-polymer 2-methyl-N-(pyridin-4-yl)furan-3-carboxamide 'C11 H10 N2 O2'
#
# COMPACT_ATOMS: atom_id res chain seq x y z
N PRO A 3 -32.57 -12.12 -11.16
CA PRO A 3 -31.22 -11.53 -11.38
C PRO A 3 -30.18 -12.18 -10.44
N LYS A 4 -29.25 -12.94 -11.01
CA LYS A 4 -28.37 -13.85 -10.24
C LYS A 4 -27.22 -13.08 -9.59
N SER A 5 -26.98 -13.35 -8.30
N SER A 5 -27.03 -13.35 -8.29
CA SER A 5 -25.99 -12.63 -7.48
CA SER A 5 -26.02 -12.69 -7.43
C SER A 5 -24.95 -13.59 -6.91
C SER A 5 -24.86 -13.65 -7.19
N MET A 6 -23.70 -13.10 -6.82
CA MET A 6 -22.54 -13.89 -6.36
C MET A 6 -22.19 -13.34 -4.99
N GLN A 7 -21.88 -14.21 -4.06
CA GLN A 7 -21.44 -13.81 -2.72
C GLN A 7 -19.98 -13.32 -2.79
N CYS A 8 -19.68 -12.20 -2.17
CA CYS A 8 -18.32 -11.62 -2.15
C CYS A 8 -17.83 -11.59 -0.72
N LYS A 9 -16.59 -11.97 -0.48
CA LYS A 9 -16.00 -11.88 0.86
C LYS A 9 -14.79 -10.95 0.74
N VAL A 10 -14.73 -9.96 1.61
CA VAL A 10 -13.66 -8.93 1.55
C VAL A 10 -12.97 -8.91 2.89
N ILE A 11 -11.68 -9.15 2.93
CA ILE A 11 -10.91 -8.98 4.17
C ILE A 11 -10.63 -7.49 4.36
N LEU A 12 -11.11 -6.94 5.46
CA LEU A 12 -10.93 -5.50 5.80
C LEU A 12 -9.59 -5.27 6.53
N LEU A 13 -9.17 -4.01 6.65
CA LEU A 13 -7.82 -3.71 7.14
C LEU A 13 -7.73 -4.00 8.64
N ASP A 14 -8.87 -4.14 9.34
CA ASP A 14 -8.85 -4.57 10.77
C ASP A 14 -8.78 -6.09 10.86
N GLY A 15 -8.71 -6.81 9.73
CA GLY A 15 -8.59 -8.28 9.67
C GLY A 15 -9.92 -9.01 9.71
N SER A 16 -11.00 -8.27 9.83
CA SER A 16 -12.39 -8.80 9.80
C SER A 16 -12.86 -9.02 8.36
N GLU A 17 -13.97 -9.75 8.21
CA GLU A 17 -14.53 -10.20 6.91
C GLU A 17 -15.87 -9.50 6.68
N TYR A 18 -15.99 -8.75 5.59
CA TYR A 18 -17.27 -8.21 5.10
C TYR A 18 -17.77 -9.14 4.00
N THR A 19 -19.04 -9.54 4.12
CA THR A 19 -19.74 -10.39 3.14
C THR A 19 -20.87 -9.58 2.53
N CYS A 20 -20.99 -9.61 1.22
CA CYS A 20 -22.13 -9.00 0.49
C CYS A 20 -22.37 -9.77 -0.79
N ASP A 21 -23.42 -9.40 -1.50
CA ASP A 21 -23.80 -10.02 -2.78
C ASP A 21 -23.82 -8.92 -3.82
N VAL A 22 -23.31 -9.22 -5.01
CA VAL A 22 -23.52 -8.34 -6.18
C VAL A 22 -24.05 -9.17 -7.34
N GLU A 23 -24.70 -8.53 -8.30
CA GLU A 23 -25.15 -9.23 -9.52
C GLU A 23 -23.92 -9.80 -10.24
N LYS A 24 -24.01 -11.01 -10.81
CA LYS A 24 -22.80 -11.74 -11.27
C LYS A 24 -22.09 -10.99 -12.43
N ARG A 25 -22.78 -10.11 -13.19
CA ARG A 25 -22.15 -9.32 -14.29
C ARG A 25 -21.67 -7.94 -13.79
N SER A 26 -21.64 -7.75 -12.48
CA SER A 26 -21.25 -6.46 -11.84
C SER A 26 -19.81 -6.11 -12.19
N ARG A 27 -19.59 -4.81 -12.38
CA ARG A 27 -18.25 -4.20 -12.50
C ARG A 27 -17.66 -4.02 -11.10
N GLY A 28 -16.34 -3.91 -11.02
CA GLY A 28 -15.68 -3.86 -9.70
C GLY A 28 -16.18 -2.70 -8.85
N GLN A 29 -16.54 -1.58 -9.52
CA GLN A 29 -16.93 -0.37 -8.78
C GLN A 29 -18.11 -0.70 -7.87
N VAL A 30 -19.02 -1.57 -8.34
CA VAL A 30 -20.25 -1.90 -7.56
C VAL A 30 -19.85 -2.43 -6.20
N LEU A 31 -18.95 -3.42 -6.18
CA LEU A 31 -18.49 -4.03 -4.92
C LEU A 31 -17.71 -3.00 -4.09
N PHE A 32 -16.82 -2.27 -4.70
CA PHE A 32 -16.01 -1.27 -3.98
C PHE A 32 -16.91 -0.24 -3.29
N ASP A 33 -17.95 0.24 -4.00
CA ASP A 33 -18.90 1.22 -3.43
C ASP A 33 -19.54 0.58 -2.18
N LYS A 34 -20.01 -0.67 -2.26
CA LYS A 34 -20.59 -1.34 -1.08
C LYS A 34 -19.58 -1.38 0.06
N VAL A 35 -18.34 -1.76 -0.22
CA VAL A 35 -17.36 -1.89 0.89
C VAL A 35 -17.12 -0.52 1.52
N CYS A 36 -16.94 0.49 0.70
CA CYS A 36 -16.66 1.85 1.18
C CYS A 36 -17.85 2.39 1.97
N GLU A 37 -19.07 2.10 1.56
CA GLU A 37 -20.22 2.54 2.38
C GLU A 37 -20.16 1.82 3.74
N HIS A 38 -19.89 0.51 3.76
CA HIS A 38 -19.74 -0.28 4.99
C HIS A 38 -18.71 0.40 5.90
N LEU A 39 -17.63 0.92 5.31
CA LEU A 39 -16.49 1.48 6.08
C LEU A 39 -16.72 2.96 6.42
N ASN A 40 -17.84 3.56 5.99
CA ASN A 40 -18.09 5.02 6.13
C ASN A 40 -16.94 5.85 5.55
N LEU A 41 -16.43 5.42 4.41
CA LEU A 41 -15.24 6.02 3.76
C LEU A 41 -15.73 6.83 2.56
N LEU A 42 -15.43 8.14 2.60
CA LEU A 42 -15.78 9.09 1.53
C LEU A 42 -14.61 9.38 0.59
N GLU A 43 -13.38 9.42 1.13
CA GLU A 43 -12.19 9.72 0.33
C GLU A 43 -11.73 8.41 -0.29
N LYS A 44 -12.50 7.91 -1.23
CA LYS A 44 -12.34 6.52 -1.74
C LYS A 44 -11.19 6.42 -2.75
N ASP A 45 -10.73 7.55 -3.30
CA ASP A 45 -9.79 7.57 -4.45
C ASP A 45 -8.48 6.86 -4.11
N TYR A 46 -8.04 6.86 -2.85
CA TYR A 46 -6.74 6.28 -2.44
C TYR A 46 -6.80 4.76 -2.30
N PHE A 47 -7.99 4.15 -2.37
CA PHE A 47 -8.18 2.74 -1.98
C PHE A 47 -8.59 1.89 -3.18
N GLY A 48 -8.58 0.58 -2.98
CA GLY A 48 -9.02 -0.37 -3.99
C GLY A 48 -9.21 -1.73 -3.38
N LEU A 49 -9.66 -2.66 -4.21
CA LEU A 49 -9.76 -4.08 -3.80
C LEU A 49 -8.71 -4.85 -4.58
N THR A 50 -8.13 -5.84 -3.89
CA THR A 50 -7.22 -6.79 -4.53
C THR A 50 -7.89 -8.15 -4.53
N TYR A 51 -7.44 -8.99 -5.45
CA TYR A 51 -7.73 -10.42 -5.49
C TYR A 51 -6.45 -11.16 -5.90
N ARG A 52 -6.49 -12.48 -5.78
CA ARG A 52 -5.36 -13.37 -6.13
C ARG A 52 -5.74 -14.07 -7.42
N ASP A 53 -4.84 -14.06 -8.41
CA ASP A 53 -5.08 -14.66 -9.74
C ASP A 53 -4.73 -16.13 -9.62
N ALA A 54 -4.82 -16.86 -10.75
CA ALA A 54 -4.61 -18.33 -10.81
C ALA A 54 -3.16 -18.66 -10.46
N GLU A 55 -2.25 -17.68 -10.59
CA GLU A 55 -0.82 -17.85 -10.22
C GLU A 55 -0.57 -17.40 -8.77
N ASN A 56 -1.63 -17.11 -8.01
CA ASN A 56 -1.61 -16.58 -6.62
C ASN A 56 -0.90 -15.21 -6.53
N GLN A 57 -0.96 -14.40 -7.58
CA GLN A 57 -0.36 -13.04 -7.55
C GLN A 57 -1.49 -12.09 -7.16
N LYS A 58 -1.18 -11.09 -6.32
CA LYS A 58 -2.09 -9.98 -5.97
C LYS A 58 -2.33 -9.13 -7.21
N ASN A 59 -3.58 -8.88 -7.53
CA ASN A 59 -4.00 -8.01 -8.64
C ASN A 59 -4.98 -6.98 -8.06
N TRP A 60 -4.94 -5.76 -8.57
CA TRP A 60 -5.98 -4.77 -8.29
C TRP A 60 -7.24 -5.15 -9.07
N LEU A 61 -8.39 -5.10 -8.41
CA LEU A 61 -9.68 -5.27 -9.11
C LEU A 61 -9.93 -3.98 -9.87
N ASP A 62 -10.05 -4.06 -11.20
CA ASP A 62 -10.31 -2.85 -12.00
C ASP A 62 -11.77 -2.48 -11.84
N PRO A 63 -12.09 -1.31 -11.27
CA PRO A 63 -13.48 -0.95 -11.00
C PRO A 63 -14.34 -0.77 -12.25
N ALA A 64 -13.70 -0.59 -13.40
CA ALA A 64 -14.41 -0.32 -14.67
C ALA A 64 -14.74 -1.64 -15.39
N LYS A 65 -14.19 -2.78 -14.96
CA LYS A 65 -14.33 -4.06 -15.66
C LYS A 65 -15.17 -5.02 -14.83
N GLU A 66 -15.83 -5.96 -15.50
CA GLU A 66 -16.64 -6.98 -14.82
C GLU A 66 -15.75 -7.76 -13.82
N ILE A 67 -16.27 -8.00 -12.64
CA ILE A 67 -15.57 -8.80 -11.61
C ILE A 67 -15.26 -10.20 -12.16
N LYS A 68 -16.27 -10.81 -12.79
CA LYS A 68 -16.12 -12.22 -13.27
C LYS A 68 -15.00 -12.30 -14.31
N LYS A 69 -14.74 -11.27 -15.11
CA LYS A 69 -13.69 -11.35 -16.15
C LYS A 69 -12.31 -11.09 -15.57
N GLN A 70 -12.25 -10.80 -14.28
CA GLN A 70 -10.96 -10.60 -13.58
C GLN A 70 -10.71 -11.81 -12.69
N VAL A 71 -11.65 -12.19 -11.83
CA VAL A 71 -11.40 -13.32 -10.91
C VAL A 71 -11.44 -14.63 -11.73
N ARG A 72 -12.15 -14.60 -12.85
CA ARG A 72 -12.22 -15.72 -13.85
C ARG A 72 -12.59 -17.00 -13.12
N SER A 73 -11.64 -17.92 -12.94
CA SER A 73 -11.91 -19.25 -12.39
C SER A 73 -11.86 -19.23 -10.86
N GLY A 74 -11.40 -18.15 -10.26
CA GLY A 74 -11.09 -18.12 -8.82
C GLY A 74 -12.28 -17.71 -7.97
N ALA A 75 -12.08 -17.76 -6.66
CA ALA A 75 -13.11 -17.42 -5.66
C ALA A 75 -13.36 -15.91 -5.71
N TRP A 76 -14.56 -15.48 -5.33
CA TRP A 76 -14.89 -14.02 -5.24
C TRP A 76 -14.49 -13.56 -3.84
N HIS A 77 -13.18 -13.60 -3.62
CA HIS A 77 -12.56 -13.22 -2.36
C HIS A 77 -11.57 -12.09 -2.65
N PHE A 78 -11.62 -11.07 -1.81
CA PHE A 78 -10.88 -9.82 -2.05
C PHE A 78 -10.27 -9.31 -0.75
N SER A 79 -9.33 -8.37 -0.85
CA SER A 79 -8.87 -7.57 0.30
C SER A 79 -9.12 -6.10 0.00
N PHE A 80 -9.43 -5.32 1.03
CA PHE A 80 -9.53 -3.86 0.92
C PHE A 80 -8.18 -3.25 1.30
N ASN A 81 -7.62 -2.43 0.43
CA ASN A 81 -6.24 -1.96 0.58
C ASN A 81 -6.11 -0.51 0.12
N VAL A 82 -5.05 0.11 0.62
CA VAL A 82 -4.59 1.40 0.07
C VAL A 82 -3.92 1.06 -1.27
N LYS A 83 -4.30 1.83 -2.28
CA LYS A 83 -3.75 1.69 -3.64
C LYS A 83 -2.74 2.83 -3.89
N PHE A 84 -3.14 4.05 -3.55
CA PHE A 84 -2.31 5.27 -3.75
C PHE A 84 -2.00 5.88 -2.39
N TYR A 85 -0.74 5.76 -1.94
CA TYR A 85 -0.37 6.24 -0.58
C TYR A 85 -0.10 7.73 -0.69
N PRO A 86 -0.85 8.58 0.03
CA PRO A 86 -0.68 10.03 -0.15
C PRO A 86 0.65 10.47 0.44
N PRO A 87 1.45 11.29 -0.28
CA PRO A 87 2.74 11.72 0.25
C PRO A 87 2.57 12.60 1.48
N ASP A 88 1.46 13.30 1.59
CA ASP A 88 1.20 14.12 2.78
C ASP A 88 -0.18 13.80 3.30
N PRO A 89 -0.28 12.78 4.19
CA PRO A 89 -1.56 12.41 4.75
C PRO A 89 -2.26 13.52 5.53
N ALA A 90 -1.55 14.57 5.97
CA ALA A 90 -2.21 15.72 6.64
C ALA A 90 -3.20 16.43 5.69
N GLN A 91 -3.00 16.27 4.37
CA GLN A 91 -3.81 16.89 3.30
C GLN A 91 -5.17 16.21 3.20
N LEU A 92 -5.29 14.98 3.68
CA LEU A 92 -6.58 14.25 3.55
C LEU A 92 -7.66 15.00 4.32
N SER A 93 -8.88 15.02 3.79
CA SER A 93 -9.98 15.81 4.36
C SER A 93 -10.52 15.15 5.64
N GLU A 94 -10.48 13.81 5.76
CA GLU A 94 -11.17 13.17 6.90
C GLU A 94 -10.24 12.32 7.75
N ASP A 95 -10.45 12.39 9.05
CA ASP A 95 -9.76 11.54 10.03
C ASP A 95 -9.99 10.06 9.66
N ILE A 96 -11.16 9.66 9.21
CA ILE A 96 -11.37 8.20 9.04
C ILE A 96 -10.51 7.70 7.89
N THR A 97 -10.20 8.55 6.93
CA THR A 97 -9.31 8.19 5.81
C THR A 97 -7.93 7.91 6.40
N ARG A 98 -7.45 8.81 7.28
CA ARG A 98 -6.12 8.65 7.90
C ARG A 98 -6.09 7.36 8.74
N TYR A 99 -7.19 7.05 9.39
CA TYR A 99 -7.36 5.80 10.20
C TYR A 99 -7.15 4.56 9.33
N TYR A 100 -7.86 4.45 8.20
CA TYR A 100 -7.66 3.30 7.29
C TYR A 100 -6.22 3.27 6.77
N LEU A 101 -5.62 4.43 6.47
CA LEU A 101 -4.21 4.46 5.99
C LEU A 101 -3.26 3.97 7.09
N CYS A 102 -3.50 4.32 8.36
CA CYS A 102 -2.78 3.76 9.51
C CYS A 102 -2.95 2.23 9.54
N LEU A 103 -4.18 1.73 9.40
CA LEU A 103 -4.35 0.25 9.47
C LEU A 103 -3.51 -0.40 8.37
N GLN A 104 -3.53 0.14 7.17
CA GLN A 104 -2.76 -0.46 6.05
C GLN A 104 -1.27 -0.46 6.40
N LEU A 105 -0.78 0.69 6.88
CA LEU A 105 0.65 0.84 7.19
C LEU A 105 1.06 -0.09 8.31
N ARG A 106 0.21 -0.28 9.31
CA ARG A 106 0.52 -1.25 10.37
C ARG A 106 0.76 -2.64 9.76
N ASP A 107 -0.05 -3.06 8.78
CA ASP A 107 0.16 -4.36 8.09
C ASP A 107 1.40 -4.34 7.20
N ASP A 108 1.69 -3.22 6.55
CA ASP A 108 2.91 -3.07 5.74
C ASP A 108 4.12 -3.25 6.67
N ILE A 109 4.03 -2.77 7.88
CA ILE A 109 5.16 -2.88 8.83
C ILE A 109 5.28 -4.31 9.34
N VAL A 110 4.23 -4.89 9.89
CA VAL A 110 4.28 -6.26 10.51
C VAL A 110 4.74 -7.26 9.45
N SER A 111 4.28 -7.07 8.20
CA SER A 111 4.54 -7.99 7.07
C SER A 111 6.01 -7.92 6.65
N GLY A 112 6.71 -6.83 6.97
CA GLY A 112 8.06 -6.50 6.49
C GLY A 112 8.13 -5.80 5.15
N ARG A 113 7.00 -5.50 4.50
CA ARG A 113 6.99 -4.74 3.23
C ARG A 113 7.51 -3.31 3.45
N LEU A 114 7.39 -2.82 4.67
CA LEU A 114 7.81 -1.44 4.98
C LEU A 114 8.88 -1.50 6.06
N PRO A 115 10.17 -1.56 5.69
CA PRO A 115 11.21 -1.69 6.68
C PRO A 115 11.25 -0.42 7.53
N CYS A 116 11.69 -0.58 8.76
N CYS A 116 11.46 -0.61 8.83
CA CYS A 116 11.58 0.46 9.80
CA CYS A 116 11.56 0.45 9.86
C CYS A 116 12.63 0.20 10.88
C CYS A 116 12.79 0.19 10.73
N SER A 117 13.33 1.25 11.32
CA SER A 117 14.32 1.17 12.42
C SER A 117 13.61 0.75 13.69
N PHE A 118 14.36 0.24 14.64
CA PHE A 118 13.84 -0.08 15.99
C PHE A 118 13.08 1.11 16.59
N VAL A 119 13.71 2.29 16.56
CA VAL A 119 13.09 3.44 17.24
C VAL A 119 11.79 3.82 16.53
N THR A 120 11.77 3.83 15.20
CA THR A 120 10.54 4.18 14.49
C THR A 120 9.48 3.10 14.70
N LEU A 121 9.84 1.81 14.75
CA LEU A 121 8.85 0.76 15.08
C LEU A 121 8.21 1.07 16.44
N ALA A 122 9.02 1.45 17.43
CA ALA A 122 8.52 1.76 18.79
C ALA A 122 7.69 3.04 18.80
N LEU A 123 8.10 4.08 18.07
CA LEU A 123 7.32 5.32 17.98
C LEU A 123 5.96 5.07 17.31
N LEU A 124 5.96 4.37 16.19
CA LEU A 124 4.69 4.04 15.47
C LEU A 124 3.80 3.22 16.42
N GLY A 125 4.36 2.20 17.06
CA GLY A 125 3.63 1.38 18.01
C GLY A 125 3.01 2.25 19.09
N SER A 126 3.78 3.15 19.68
CA SER A 126 3.30 3.99 20.78
C SER A 126 2.12 4.86 20.35
N TYR A 127 2.10 5.36 19.12
CA TYR A 127 0.98 6.18 18.62
C TYR A 127 -0.24 5.27 18.46
N THR A 128 -0.07 4.10 17.88
CA THR A 128 -1.21 3.14 17.78
C THR A 128 -1.80 2.87 19.17
N VAL A 129 -0.97 2.57 20.15
CA VAL A 129 -1.47 2.23 21.52
C VAL A 129 -2.20 3.44 22.08
N GLN A 130 -1.67 4.64 21.87
CA GLN A 130 -2.33 5.86 22.37
C GLN A 130 -3.70 6.02 21.72
N SER A 131 -3.77 5.88 20.39
N SER A 131 -3.77 5.81 20.40
CA SER A 131 -5.04 6.01 19.64
CA SER A 131 -5.00 6.00 19.57
C SER A 131 -6.05 5.01 20.20
C SER A 131 -6.05 4.94 19.92
N GLU A 132 -5.63 3.76 20.38
CA GLU A 132 -6.56 2.63 20.66
C GLU A 132 -6.91 2.49 22.14
N LEU A 133 -5.95 2.69 23.04
CA LEU A 133 -6.22 2.50 24.49
C LEU A 133 -6.34 3.84 25.20
N GLY A 134 -5.86 4.92 24.61
CA GLY A 134 -5.79 6.22 25.29
C GLY A 134 -4.56 6.27 26.18
N ASP A 135 -4.63 7.02 27.27
CA ASP A 135 -3.44 7.34 28.07
C ASP A 135 -2.88 6.09 28.70
N TYR A 136 -1.56 6.07 28.86
CA TYR A 136 -0.80 5.00 29.53
C TYR A 136 -1.42 4.75 30.91
N ASP A 137 -1.68 3.49 31.20
CA ASP A 137 -2.08 3.04 32.55
C ASP A 137 -1.08 2.00 33.03
N PRO A 138 -0.40 2.23 34.17
CA PRO A 138 0.51 1.23 34.74
C PRO A 138 -0.15 -0.09 35.17
N ASP A 139 -1.43 -0.02 35.56
CA ASP A 139 -2.20 -1.18 36.11
C ASP A 139 -2.25 -2.31 35.08
N GLU A 140 -2.20 -1.97 33.79
CA GLU A 140 -2.29 -2.93 32.67
C GLU A 140 -0.92 -3.52 32.36
N CYS A 141 0.15 -2.72 32.48
CA CYS A 141 1.54 -3.09 32.07
C CYS A 141 2.48 -3.14 33.28
N GLY A 142 3.03 -4.32 33.58
CA GLY A 142 4.12 -4.50 34.55
C GLY A 142 5.45 -4.50 33.84
N SER A 143 6.54 -4.87 34.53
CA SER A 143 7.90 -4.96 33.93
C SER A 143 7.90 -6.06 32.85
N ASP A 144 6.93 -6.98 32.86
CA ASP A 144 6.86 -8.16 31.94
C ASP A 144 5.78 -7.95 30.87
N TYR A 145 5.29 -6.74 30.64
CA TYR A 145 4.20 -6.48 29.67
C TYR A 145 4.61 -6.81 28.22
N ILE A 146 3.74 -7.55 27.52
CA ILE A 146 3.74 -7.77 26.04
C ILE A 146 2.35 -7.44 25.45
N SER A 147 2.28 -6.40 24.63
CA SER A 147 1.04 -5.92 24.00
C SER A 147 0.44 -7.00 23.10
N GLU A 148 -0.89 -7.02 22.99
CA GLU A 148 -1.60 -7.82 21.98
C GLU A 148 -1.30 -7.27 20.59
N PHE A 149 -0.95 -5.97 20.51
CA PHE A 149 -0.69 -5.25 19.24
C PHE A 149 0.60 -5.87 18.67
N ARG A 150 0.47 -6.23 17.42
CA ARG A 150 1.55 -6.55 16.47
C ARG A 150 2.10 -5.22 15.97
N PHE A 151 3.39 -5.03 16.19
CA PHE A 151 4.16 -3.79 15.92
C PHE A 151 5.21 -3.99 14.84
N ALA A 152 5.69 -5.22 14.61
CA ALA A 152 6.93 -5.40 13.87
C ALA A 152 6.96 -6.82 13.33
N PRO A 153 7.81 -7.06 12.34
CA PRO A 153 7.93 -8.39 11.77
C PRO A 153 8.55 -9.33 12.80
N ASN A 154 9.33 -8.80 13.73
CA ASN A 154 9.94 -9.63 14.80
C ASN A 154 9.86 -8.85 16.09
N HIS A 155 9.06 -9.37 17.01
CA HIS A 155 8.90 -8.71 18.31
C HIS A 155 9.98 -9.13 19.29
N THR A 156 10.51 -8.15 20.01
CA THR A 156 11.45 -8.36 21.14
C THR A 156 10.92 -7.68 22.39
N LYS A 157 11.39 -8.15 23.55
CA LYS A 157 11.00 -7.52 24.83
C LYS A 157 11.50 -6.06 24.82
N GLU A 158 12.69 -5.83 24.28
CA GLU A 158 13.23 -4.43 24.20
C GLU A 158 12.24 -3.55 23.41
N LEU A 159 11.67 -4.06 22.32
CA LEU A 159 10.74 -3.22 21.52
C LEU A 159 9.49 -2.95 22.34
N GLU A 160 8.95 -3.95 23.01
CA GLU A 160 7.72 -3.75 23.83
C GLU A 160 7.97 -2.69 24.89
N ASP A 161 9.16 -2.74 25.51
CA ASP A 161 9.55 -1.78 26.55
C ASP A 161 9.59 -0.36 25.98
N LYS A 162 10.12 -0.21 24.77
CA LYS A 162 10.28 1.12 24.17
C LYS A 162 8.91 1.69 23.79
N VAL A 163 8.02 0.84 23.25
CA VAL A 163 6.63 1.26 22.99
C VAL A 163 6.04 1.86 24.27
N ILE A 164 6.15 1.17 25.39
CA ILE A 164 5.56 1.65 26.66
C ILE A 164 6.21 2.97 27.05
N GLU A 165 7.55 3.07 26.96
CA GLU A 165 8.28 4.30 27.37
C GLU A 165 7.73 5.49 26.56
N LEU A 166 7.53 5.30 25.25
CA LEU A 166 7.04 6.41 24.40
C LEU A 166 5.55 6.63 24.66
N HIS A 167 4.78 5.57 24.90
CA HIS A 167 3.34 5.72 25.16
C HIS A 167 3.15 6.63 26.38
N LYS A 168 4.03 6.50 27.36
CA LYS A 168 3.90 7.32 28.58
C LYS A 168 3.98 8.79 28.18
N SER A 169 4.79 9.14 27.17
CA SER A 169 5.05 10.55 26.77
C SER A 169 3.81 11.13 26.08
N HIS A 170 2.83 10.32 25.69
CA HIS A 170 1.73 10.80 24.83
C HIS A 170 0.45 11.13 25.62
N ARG A 171 0.54 11.30 26.94
CA ARG A 171 -0.70 11.53 27.75
C ARG A 171 -1.48 12.76 27.22
N GLY A 172 -2.80 12.63 27.06
CA GLY A 172 -3.70 13.70 26.61
C GLY A 172 -3.93 13.67 25.12
N MET A 173 -3.25 12.77 24.40
CA MET A 173 -3.31 12.73 22.93
C MET A 173 -4.59 12.04 22.50
N THR A 174 -5.33 12.65 21.58
CA THR A 174 -6.60 12.11 21.10
C THR A 174 -6.27 11.16 19.94
N PRO A 175 -7.20 10.25 19.58
CA PRO A 175 -6.96 9.28 18.52
C PRO A 175 -6.57 9.91 17.19
N ALA A 176 -7.29 10.92 16.69
CA ALA A 176 -6.95 11.55 15.40
C ALA A 176 -5.54 12.14 15.50
N GLU A 177 -5.22 12.72 16.65
CA GLU A 177 -3.91 13.38 16.85
C GLU A 177 -2.78 12.32 16.79
N ALA A 178 -2.99 11.20 17.45
CA ALA A 178 -2.01 10.09 17.53
C ALA A 178 -1.85 9.52 16.11
N GLU A 179 -2.97 9.32 15.41
CA GLU A 179 -2.93 8.77 14.03
C GLU A 179 -2.18 9.75 13.11
N MET A 180 -2.39 11.07 13.26
CA MET A 180 -1.65 12.03 12.42
C MET A 180 -0.16 11.93 12.74
N HIS A 181 0.24 11.82 14.02
CA HIS A 181 1.67 11.63 14.35
C HIS A 181 2.19 10.32 13.73
N PHE A 182 1.39 9.26 13.83
CA PHE A 182 1.78 7.99 13.21
C PHE A 182 2.19 8.26 11.76
N LEU A 183 1.29 8.91 11.03
CA LEU A 183 1.45 9.16 9.60
C LEU A 183 2.60 10.10 9.30
N GLU A 184 2.83 11.12 10.13
CA GLU A 184 3.96 12.06 9.91
C GLU A 184 5.30 11.33 9.98
N ASN A 185 5.41 10.29 10.82
CA ASN A 185 6.61 9.44 10.89
C ASN A 185 6.63 8.46 9.72
N ALA A 186 5.56 7.70 9.51
CA ALA A 186 5.57 6.61 8.51
C ALA A 186 5.87 7.16 7.11
N LYS A 187 5.39 8.38 6.81
CA LYS A 187 5.42 8.93 5.42
C LYS A 187 6.88 9.19 5.05
N LYS A 188 7.77 9.26 6.04
CA LYS A 188 9.20 9.61 5.80
C LYS A 188 10.03 8.37 5.45
N LEU A 189 9.51 7.18 5.72
CA LEU A 189 10.27 5.93 5.58
C LEU A 189 10.59 5.76 4.10
N SER A 190 11.77 5.29 3.81
CA SER A 190 12.26 5.28 2.40
C SER A 190 11.35 4.34 1.57
N MET A 191 10.66 3.35 2.16
CA MET A 191 9.83 2.39 1.38
C MET A 191 8.33 2.71 1.53
N TYR A 192 7.97 3.85 2.11
CA TYR A 192 6.56 4.31 2.21
C TYR A 192 5.89 4.35 0.84
N GLY A 193 4.82 3.59 0.73
CA GLY A 193 3.95 3.51 -0.45
C GLY A 193 4.67 3.01 -1.68
N VAL A 194 5.77 2.25 -1.52
CA VAL A 194 6.52 1.72 -2.69
C VAL A 194 5.99 0.32 -2.97
N ASP A 195 5.46 0.12 -4.17
CA ASP A 195 4.99 -1.21 -4.62
C ASP A 195 6.17 -1.84 -5.39
N LEU A 196 6.72 -2.96 -4.91
CA LEU A 196 7.97 -3.57 -5.45
C LEU A 196 7.63 -4.70 -6.41
N HIS A 197 8.33 -4.73 -7.54
CA HIS A 197 8.17 -5.74 -8.60
C HIS A 197 9.55 -6.30 -8.91
N HIS A 198 9.73 -7.62 -8.78
CA HIS A 198 10.95 -8.34 -9.23
C HIS A 198 11.10 -8.21 -10.76
N ALA A 199 12.30 -7.94 -11.23
CA ALA A 199 12.59 -7.77 -12.67
C ALA A 199 14.07 -8.02 -12.95
N LYS A 200 14.43 -8.05 -14.22
CA LYS A 200 15.84 -8.09 -14.66
C LYS A 200 16.07 -6.91 -15.57
N ASP A 201 17.26 -6.31 -15.52
CA ASP A 201 17.58 -5.20 -16.43
C ASP A 201 17.90 -5.83 -17.79
N SER A 202 18.19 -4.99 -18.79
CA SER A 202 18.51 -5.38 -20.20
C SER A 202 19.74 -6.31 -20.25
N GLU A 203 20.49 -6.46 -19.16
CA GLU A 203 21.68 -7.36 -19.10
C GLU A 203 21.38 -8.65 -18.32
N GLY A 204 20.19 -8.83 -17.73
CA GLY A 204 19.84 -10.05 -16.96
C GLY A 204 20.14 -9.95 -15.47
N VAL A 205 20.59 -8.79 -14.98
CA VAL A 205 20.88 -8.58 -13.53
C VAL A 205 19.54 -8.38 -12.82
N GLU A 206 19.33 -9.12 -11.73
CA GLU A 206 18.10 -9.11 -10.92
C GLU A 206 18.03 -7.75 -10.21
N ILE A 207 16.94 -7.04 -10.40
CA ILE A 207 16.67 -5.73 -9.77
C ILE A 207 15.27 -5.80 -9.18
N MET A 208 14.89 -4.75 -8.45
CA MET A 208 13.48 -4.49 -8.07
C MET A 208 13.06 -3.16 -8.69
N LEU A 209 11.85 -3.10 -9.22
CA LEU A 209 11.27 -1.83 -9.66
C LEU A 209 10.24 -1.40 -8.62
N GLY A 210 10.32 -0.17 -8.14
CA GLY A 210 9.34 0.30 -7.16
C GLY A 210 8.45 1.32 -7.78
N VAL A 211 7.16 1.22 -7.53
CA VAL A 211 6.19 2.17 -8.07
C VAL A 211 5.66 2.99 -6.88
N CYS A 212 5.69 4.30 -7.04
CA CYS A 212 5.20 5.16 -5.95
C CYS A 212 4.85 6.54 -6.47
N ALA A 213 4.41 7.40 -5.57
CA ALA A 213 3.96 8.77 -5.94
C ALA A 213 5.03 9.51 -6.75
N SER A 214 6.28 9.40 -6.35
CA SER A 214 7.33 10.30 -6.91
C SER A 214 7.86 9.71 -8.22
N GLY A 215 7.62 8.44 -8.49
CA GLY A 215 8.00 7.92 -9.83
C GLY A 215 8.28 6.45 -9.82
N LEU A 216 9.14 6.01 -10.73
CA LEU A 216 9.57 4.61 -10.79
C LEU A 216 10.99 4.56 -10.25
N LEU A 217 11.23 3.70 -9.28
CA LEU A 217 12.54 3.52 -8.63
C LEU A 217 13.12 2.20 -9.11
N ILE A 218 14.43 2.19 -9.37
CA ILE A 218 15.20 0.96 -9.72
C ILE A 218 16.18 0.68 -8.58
N TYR A 219 16.00 -0.46 -7.92
CA TYR A 219 16.89 -0.96 -6.84
C TYR A 219 17.79 -2.05 -7.41
N ARG A 220 19.03 -1.67 -7.77
CA ARG A 220 20.10 -2.59 -8.25
C ARG A 220 20.69 -3.27 -7.01
N ASP A 221 20.58 -2.58 -5.87
CA ASP A 221 20.79 -3.08 -4.49
C ASP A 221 20.68 -1.87 -3.54
N ARG A 222 21.59 -1.75 -2.58
CA ARG A 222 21.67 -0.58 -1.67
C ARG A 222 22.75 0.37 -2.20
N LEU A 223 23.63 -0.12 -3.07
CA LEU A 223 24.69 0.67 -3.74
C LEU A 223 24.24 1.07 -5.16
N ARG A 224 23.54 2.20 -5.27
CA ARG A 224 23.15 2.84 -6.55
C ARG A 224 21.68 2.53 -6.87
N ILE A 225 20.80 3.48 -6.56
CA ILE A 225 19.34 3.46 -6.84
C ILE A 225 19.04 4.55 -7.87
N ASN A 226 18.47 4.17 -9.02
CA ASN A 226 18.02 5.10 -10.08
C ASN A 226 16.54 5.43 -9.81
N ARG A 227 16.09 6.62 -10.22
CA ARG A 227 14.68 7.06 -10.05
C ARG A 227 14.24 7.86 -11.27
N PHE A 228 13.03 7.60 -11.75
CA PHE A 228 12.39 8.33 -12.88
C PHE A 228 11.11 8.98 -12.36
N ALA A 229 11.16 10.28 -12.10
CA ALA A 229 9.99 11.08 -11.68
C ALA A 229 8.93 10.95 -12.75
N TRP A 230 7.67 10.83 -12.37
CA TRP A 230 6.57 10.60 -13.34
C TRP A 230 6.60 11.65 -14.46
N PRO A 231 6.79 12.96 -14.16
CA PRO A 231 6.76 13.97 -15.23
C PRO A 231 7.62 13.55 -16.43
N LYS A 232 8.84 13.05 -16.20
CA LYS A 232 9.78 12.61 -17.28
C LYS A 232 9.17 11.49 -18.15
N VAL A 233 8.26 10.68 -17.62
CA VAL A 233 7.81 9.45 -18.32
C VAL A 233 6.70 9.78 -19.31
N LEU A 234 6.93 9.61 -20.61
CA LEU A 234 5.92 9.97 -21.65
C LEU A 234 5.07 8.76 -22.03
N LYS A 235 5.66 7.57 -21.98
CA LYS A 235 4.98 6.34 -22.41
C LYS A 235 5.48 5.17 -21.57
N ILE A 236 4.51 4.37 -21.14
CA ILE A 236 4.74 3.10 -20.40
C ILE A 236 4.13 2.03 -21.29
N SER A 237 4.88 0.98 -21.58
CA SER A 237 4.38 -0.11 -22.47
C SER A 237 4.93 -1.45 -22.02
N TYR A 238 4.30 -2.51 -22.49
CA TYR A 238 4.77 -3.88 -22.25
C TYR A 238 4.63 -4.63 -23.57
N LYS A 239 5.42 -5.70 -23.70
CA LYS A 239 5.37 -6.63 -24.86
C LYS A 239 5.98 -7.94 -24.34
N ARG A 240 5.27 -9.07 -24.60
CA ARG A 240 5.67 -10.40 -24.08
C ARG A 240 6.04 -10.23 -22.59
N ASN A 241 7.27 -10.56 -22.20
CA ASN A 241 7.69 -10.56 -20.78
C ASN A 241 8.41 -9.26 -20.44
N ASN A 242 8.34 -8.27 -21.33
CA ASN A 242 9.17 -7.05 -21.25
C ASN A 242 8.31 -5.82 -20.95
N PHE A 243 8.91 -4.93 -20.14
CA PHE A 243 8.33 -3.67 -19.72
C PHE A 243 9.29 -2.57 -20.19
N TYR A 244 8.74 -1.50 -20.77
CA TYR A 244 9.50 -0.34 -21.31
C TYR A 244 8.96 0.99 -20.79
N ILE A 245 9.84 1.93 -20.45
CA ILE A 245 9.39 3.34 -20.23
C ILE A 245 10.08 4.26 -21.25
N LYS A 246 9.30 5.16 -21.86
CA LYS A 246 9.83 6.18 -22.81
C LYS A 246 10.07 7.45 -21.98
N ILE A 247 11.35 7.78 -21.80
CA ILE A 247 11.86 8.99 -21.09
C ILE A 247 11.79 10.21 -22.04
N ARG A 248 11.42 11.37 -21.50
CA ARG A 248 11.40 12.66 -22.22
C ARG A 248 12.83 12.97 -22.63
N PRO A 249 13.11 13.59 -23.82
CA PRO A 249 14.45 14.08 -24.10
C PRO A 249 14.88 15.10 -23.04
N GLY A 250 16.09 14.94 -22.48
CA GLY A 250 16.79 15.96 -21.67
C GLY A 250 17.08 17.21 -22.48
N GLU A 251 17.35 18.34 -21.83
CA GLU A 251 17.51 19.63 -22.55
C GLU A 251 18.60 19.43 -23.61
N PHE A 252 18.37 19.93 -24.82
CA PHE A 252 19.35 19.96 -25.94
C PHE A 252 19.66 18.54 -26.42
N GLU A 253 18.91 17.52 -26.00
CA GLU A 253 19.09 16.15 -26.53
C GLU A 253 18.13 15.96 -27.72
N GLN A 254 18.58 15.24 -28.74
CA GLN A 254 17.79 15.12 -29.99
C GLN A 254 16.63 14.12 -29.75
N PHE A 255 16.88 13.06 -28.99
CA PHE A 255 15.99 11.85 -28.96
C PHE A 255 15.51 11.53 -27.55
N GLU A 256 14.25 11.10 -27.48
CA GLU A 256 13.63 10.44 -26.32
C GLU A 256 14.50 9.22 -26.02
N SER A 257 14.45 8.63 -24.83
CA SER A 257 15.20 7.38 -24.56
C SER A 257 14.26 6.35 -23.94
N THR A 258 14.27 5.12 -24.44
CA THR A 258 13.32 4.03 -24.07
C THR A 258 14.09 3.09 -23.15
N ILE A 259 13.60 2.71 -21.96
CA ILE A 259 14.37 1.77 -21.08
C ILE A 259 13.53 0.49 -20.83
N GLY A 260 14.21 -0.66 -20.92
CA GLY A 260 13.63 -2.01 -21.06
C GLY A 260 13.96 -2.93 -19.88
N PHE A 261 12.94 -3.63 -19.38
CA PHE A 261 13.14 -4.64 -18.31
C PHE A 261 12.43 -5.94 -18.67
N LYS A 262 12.95 -7.02 -18.11
CA LYS A 262 12.41 -8.39 -18.19
C LYS A 262 11.65 -8.70 -16.91
N LEU A 263 10.40 -9.07 -17.07
CA LEU A 263 9.56 -9.50 -15.91
C LEU A 263 9.41 -11.01 -15.94
N PRO A 264 9.02 -11.60 -14.79
CA PRO A 264 8.93 -13.06 -14.62
C PRO A 264 8.09 -13.74 -15.71
N ASN A 265 7.04 -13.07 -16.19
CA ASN A 265 6.12 -13.61 -17.21
C ASN A 265 5.30 -12.47 -17.78
N HIS A 266 4.43 -12.75 -18.73
CA HIS A 266 3.67 -11.73 -19.47
C HIS A 266 2.66 -11.05 -18.53
N ARG A 267 2.12 -11.80 -17.58
CA ARG A 267 1.11 -11.25 -16.65
C ARG A 267 1.80 -10.26 -15.72
N ALA A 268 3.01 -10.57 -15.28
CA ALA A 268 3.78 -9.67 -14.38
C ALA A 268 4.17 -8.39 -15.12
N ALA A 269 4.45 -8.44 -16.43
CA ALA A 269 4.75 -7.23 -17.22
C ALA A 269 3.49 -6.37 -17.33
N LYS A 270 2.32 -6.95 -17.63
CA LYS A 270 1.07 -6.19 -17.79
C LYS A 270 0.69 -5.54 -16.45
N ARG A 271 0.81 -6.28 -15.35
CA ARG A 271 0.48 -5.84 -13.98
C ARG A 271 1.35 -4.62 -13.64
N LEU A 272 2.63 -4.68 -13.97
CA LEU A 272 3.56 -3.56 -13.68
C LEU A 272 3.20 -2.36 -14.55
N TRP A 273 2.95 -2.58 -15.84
CA TRP A 273 2.48 -1.51 -16.74
C TRP A 273 1.25 -0.82 -16.13
N LYS A 274 0.25 -1.59 -15.71
CA LYS A 274 -1.06 -1.02 -15.31
C LYS A 274 -0.88 -0.18 -14.03
N VAL A 275 -0.12 -0.68 -13.06
CA VAL A 275 0.06 0.07 -11.79
C VAL A 275 0.89 1.33 -12.07
N CYS A 276 1.85 1.30 -12.99
CA CYS A 276 2.61 2.50 -13.37
C CYS A 276 1.70 3.54 -14.03
N VAL A 277 0.89 3.14 -15.01
CA VAL A 277 -0.05 4.06 -15.71
C VAL A 277 -0.94 4.69 -14.66
N GLU A 278 -1.47 3.86 -13.75
CA GLU A 278 -2.42 4.37 -12.75
C GLU A 278 -1.72 5.38 -11.82
N HIS A 279 -0.50 5.06 -11.34
CA HIS A 279 0.26 5.99 -10.47
C HIS A 279 0.55 7.28 -11.22
N HIS A 280 0.97 7.15 -12.49
CA HIS A 280 1.35 8.29 -13.39
C HIS A 280 0.22 9.32 -13.43
N THR A 281 -1.01 8.84 -13.65
CA THR A 281 -2.25 9.67 -13.72
C THR A 281 -2.58 10.24 -12.34
N PHE A 282 -2.61 9.39 -11.32
CA PHE A 282 -3.10 9.76 -9.98
C PHE A 282 -2.30 10.95 -9.44
N PHE A 283 -0.97 10.89 -9.57
CA PHE A 283 -0.03 11.78 -8.83
C PHE A 283 0.49 12.92 -9.72
N ARG A 284 -0.18 13.18 -10.85
CA ARG A 284 0.03 14.42 -11.66
C ARG A 284 -1.24 15.27 -11.61
N LEU A 285 -2.28 14.81 -10.89
CA LEU A 285 -3.68 15.29 -11.04
C LEU A 285 -4.28 15.65 -9.69
N LEU A 286 -4.14 16.91 -9.26
CA LEU A 286 -4.74 17.44 -8.01
C LEU A 286 -4.86 18.97 -8.11
N1 NU4 B . -3.70 13.42 -6.66
C4 NU4 B . -1.18 14.98 -7.43
C5 NU4 B . -1.43 14.30 -6.17
C6 NU4 B . -2.69 13.66 -5.68
C7 NU4 B . -4.99 12.86 -6.47
C8 NU4 B . -5.67 12.33 -7.61
C10 NU4 B . -6.97 12.35 -5.16
C1 NU4 B . 0.22 13.93 -4.15
C11 NU4 B . -5.67 12.87 -5.21
C2 NU4 B . -0.23 14.38 -5.47
C3 NU4 B . 0.11 15.41 -7.40
C9 NU4 B . -6.95 11.84 -7.44
N2 NU4 B . -7.62 11.85 -6.25
O1 NU4 B . 0.71 15.05 -6.21
O2 NU4 B . -2.86 13.36 -4.50
S DMS C . -5.50 -7.71 7.03
O DMS C . -4.79 -6.39 6.81
C1 DMS C . -4.39 -8.95 6.41
C2 DMS C . -5.33 -8.07 8.76
S DMS D . 9.82 7.65 -1.51
O DMS D . 10.41 8.00 -0.19
C1 DMS D . 8.67 6.36 -1.17
C2 DMS D . 11.05 6.71 -2.38
C1 EDO E . -13.34 15.48 9.80
O1 EDO E . -12.71 14.21 9.88
C2 EDO E . -12.51 16.53 10.41
O2 EDO E . -11.16 16.48 9.99
C1 EDO F . -0.50 -5.29 0.24
O1 EDO F . -1.41 -5.91 1.14
C2 EDO F . -1.09 -4.11 -0.43
O2 EDO F . -2.08 -4.40 -1.40
C1 EDO G . 6.63 -5.49 -0.74
O1 EDO G . 7.04 -6.47 -1.66
C2 EDO G . 6.67 -4.11 -1.27
O2 EDO G . 5.94 -3.95 -2.45
C1 EDO H . -2.48 -6.34 15.80
O1 EDO H . -2.56 -6.56 17.18
C2 EDO H . -2.08 -4.95 15.53
O2 EDO H . -1.37 -4.71 14.33
C1 EDO I . -0.93 -19.53 -17.57
O1 EDO I . -1.80 -20.62 -17.28
C2 EDO I . -1.33 -18.26 -16.88
O2 EDO I . -1.66 -17.18 -17.75
C1 EDO J . 3.53 -1.51 0.46
O1 EDO J . 2.66 -2.60 0.56
C2 EDO J . 3.13 -0.58 -0.62
O2 EDO J . 2.59 -1.31 -1.72
#